data_4H38
#
_entry.id   4H38
#
_cell.length_a   63.266
_cell.length_b   68.824
_cell.length_c   111.492
_cell.angle_alpha   90.000
_cell.angle_beta   90.000
_cell.angle_gamma   90.000
#
_symmetry.space_group_name_H-M   'P 21 21 21'
#
loop_
_entity.id
_entity.type
_entity.pdbx_description
1 polymer 'Undecaprenyl pyrophosphate synthase'
2 non-polymer '(5-bromo-2-{[3-(octyloxy)benzyl]oxy}phenyl)phosphonic acid'
3 water water
#
_entity_poly.entity_id   1
_entity_poly.type   'polypeptide(L)'
_entity_poly.pdbx_seq_one_letter_code
;MMLSATQPLSEKLPAHGCRHVAIIMDGNGRWAKKQGKIRAFGHKAGAKSVRRAVSFAANNGIEALTLYAFSSENWNRPAQ
EVSALMELFVWALDSEVKSLHRHNVRLRIIGDTSRFNSRLQERIRKSEALTAGNTGLTLNIAANYGGRWDIVQGVRQLAE
KVQQGNLQPDQIDEEMLNQHVCMHELAPVDLVIRTGGEHRISNFLLWQIAYAELYFTDVLWPDFDEQDFEGALNAFANRE
RRFGGTEPGDETA
;
_entity_poly.pdbx_strand_id   A,B
#
loop_
_chem_comp.id
_chem_comp.type
_chem_comp.name
_chem_comp.formula
0YX non-polymer '(5-bromo-2-{[3-(octyloxy)benzyl]oxy}phenyl)phosphonic acid' 'C21 H28 Br O5 P'
#
# COMPACT_ATOMS: atom_id res chain seq x y z
N ALA A 15 13.24 10.89 -19.71
CA ALA A 15 12.06 11.76 -20.02
C ALA A 15 10.80 11.33 -19.28
N HIS A 16 10.49 10.03 -19.34
CA HIS A 16 9.30 9.57 -18.61
C HIS A 16 9.45 9.78 -17.10
N GLY A 17 10.64 10.04 -16.60
CA GLY A 17 10.67 10.32 -15.19
C GLY A 17 10.77 9.14 -14.23
N CYS A 18 10.69 7.91 -14.73
CA CYS A 18 10.67 6.68 -13.92
C CYS A 18 11.95 6.00 -13.73
N ARG A 19 12.34 5.86 -12.47
CA ARG A 19 13.54 5.11 -12.19
C ARG A 19 13.23 3.65 -11.83
N HIS A 20 12.08 3.41 -11.17
CA HIS A 20 11.80 2.07 -10.65
C HIS A 20 10.30 1.80 -10.86
N VAL A 21 10.04 0.73 -11.64
CA VAL A 21 8.67 0.31 -11.97
C VAL A 21 8.48 -1.07 -11.35
N ALA A 22 7.37 -1.26 -10.65
CA ALA A 22 6.98 -2.55 -10.13
C ALA A 22 5.70 -3.00 -10.88
N ILE A 23 5.57 -4.31 -11.17
CA ILE A 23 4.44 -4.84 -11.95
C ILE A 23 3.82 -6.07 -11.26
N ILE A 24 2.48 -6.01 -11.03
CA ILE A 24 1.76 -7.17 -10.58
C ILE A 24 1.25 -7.80 -11.89
N MET A 25 1.81 -8.95 -12.24
CA MET A 25 1.55 -9.51 -13.56
C MET A 25 0.33 -10.44 -13.63
N ASP A 26 -0.87 -9.95 -13.61
CA ASP A 26 -2.03 -10.86 -13.41
C ASP A 26 -2.75 -10.99 -14.74
N GLY A 27 -3.44 -12.12 -14.89
CA GLY A 27 -4.28 -12.37 -16.04
C GLY A 27 -3.90 -13.57 -16.89
N ASN A 28 -2.81 -14.28 -16.53
CA ASN A 28 -2.27 -15.43 -17.33
C ASN A 28 -3.38 -16.52 -17.46
N GLY A 29 -4.03 -16.82 -16.32
CA GLY A 29 -5.14 -17.78 -16.26
C GLY A 29 -6.32 -17.39 -17.14
N ARG A 30 -6.81 -16.17 -16.98
CA ARG A 30 -7.92 -15.64 -17.77
C ARG A 30 -7.57 -15.64 -19.24
N TRP A 31 -6.33 -15.32 -19.57
CA TRP A 31 -5.95 -15.28 -20.97
C TRP A 31 -6.04 -16.66 -21.62
N ALA A 32 -5.58 -17.70 -20.90
CA ALA A 32 -5.58 -19.06 -21.44
C ALA A 32 -7.06 -19.53 -21.56
N LYS A 33 -7.85 -19.25 -20.53
CA LYS A 33 -9.30 -19.59 -20.49
C LYS A 33 -9.99 -18.98 -21.70
N LYS A 34 -9.80 -17.68 -21.96
CA LYS A 34 -10.38 -17.05 -23.17
C LYS A 34 -10.14 -17.78 -24.48
N GLN A 35 -8.99 -18.44 -24.60
CA GLN A 35 -8.72 -19.22 -25.80
C GLN A 35 -8.98 -20.74 -25.75
N GLY A 36 -9.69 -21.20 -24.75
CA GLY A 36 -9.93 -22.64 -24.56
C GLY A 36 -8.67 -23.45 -24.20
N LYS A 37 -7.66 -22.80 -23.63
CA LYS A 37 -6.44 -23.51 -23.36
C LYS A 37 -6.23 -23.69 -21.87
N ILE A 38 -5.54 -24.76 -21.50
CA ILE A 38 -5.23 -24.88 -20.10
C ILE A 38 -4.24 -23.79 -19.59
N ARG A 39 -4.19 -23.66 -18.26
CA ARG A 39 -3.49 -22.58 -17.53
C ARG A 39 -2.00 -22.48 -17.88
N ALA A 40 -1.36 -23.63 -18.13
CA ALA A 40 0.05 -23.69 -18.55
C ALA A 40 0.41 -22.98 -19.88
N PHE A 41 -0.50 -22.98 -20.86
CA PHE A 41 -0.27 -22.11 -22.02
C PHE A 41 -0.25 -20.60 -21.66
N GLY A 42 -1.08 -20.24 -20.73
CA GLY A 42 -1.13 -18.87 -20.20
C GLY A 42 0.19 -18.51 -19.52
N HIS A 43 0.74 -19.40 -18.73
CA HIS A 43 2.01 -19.19 -18.14
C HIS A 43 3.14 -19.09 -19.13
N LYS A 44 3.18 -19.96 -20.13
CA LYS A 44 4.14 -19.77 -21.23
C LYS A 44 3.96 -18.43 -21.97
N ALA A 45 2.71 -18.01 -22.29
CA ALA A 45 2.55 -16.67 -22.93
C ALA A 45 3.00 -15.53 -21.96
N GLY A 46 2.65 -15.74 -20.71
CA GLY A 46 3.09 -14.84 -19.59
C GLY A 46 4.63 -14.68 -19.51
N ALA A 47 5.35 -15.82 -19.63
CA ALA A 47 6.84 -15.79 -19.72
C ALA A 47 7.37 -14.95 -20.91
N LYS A 48 6.71 -15.06 -22.06
CA LYS A 48 7.12 -14.29 -23.25
C LYS A 48 6.90 -12.83 -22.94
N SER A 49 5.81 -12.56 -22.23
CA SER A 49 5.51 -11.14 -21.89
C SER A 49 6.57 -10.55 -20.86
N VAL A 50 7.08 -11.36 -19.95
CA VAL A 50 8.18 -10.93 -19.06
C VAL A 50 9.45 -10.60 -19.87
N ARG A 51 9.83 -11.44 -20.82
CA ARG A 51 11.01 -11.18 -21.62
C ARG A 51 10.86 -9.84 -22.34
N ARG A 52 9.69 -9.60 -22.89
CA ARG A 52 9.36 -8.40 -23.60
C ARG A 52 9.38 -7.15 -22.69
N ALA A 53 8.80 -7.25 -21.51
CA ALA A 53 8.87 -6.14 -20.56
C ALA A 53 10.32 -5.83 -20.05
N VAL A 54 11.05 -6.88 -19.68
CA VAL A 54 12.43 -6.79 -19.28
C VAL A 54 13.23 -6.06 -20.41
N SER A 55 13.12 -6.50 -21.66
CA SER A 55 13.87 -5.84 -22.79
C SER A 55 13.44 -4.41 -22.99
N PHE A 56 12.14 -4.15 -22.87
CA PHE A 56 11.62 -2.77 -22.96
C PHE A 56 12.17 -1.86 -21.84
N ALA A 57 12.15 -2.36 -20.62
CA ALA A 57 12.64 -1.58 -19.48
C ALA A 57 14.12 -1.23 -19.66
N ALA A 58 14.88 -2.23 -20.03
CA ALA A 58 16.34 -2.08 -20.21
C ALA A 58 16.61 -1.06 -21.31
N ASN A 59 15.77 -1.04 -22.34
CA ASN A 59 16.02 -0.10 -23.44
C ASN A 59 15.49 1.28 -23.25
N ASN A 60 14.66 1.47 -22.23
CA ASN A 60 14.06 2.71 -21.92
C ASN A 60 14.62 3.43 -20.66
N GLY A 61 15.83 3.09 -20.30
CA GLY A 61 16.54 3.77 -19.23
C GLY A 61 16.02 3.50 -17.82
N ILE A 62 15.16 2.51 -17.59
CA ILE A 62 14.59 2.28 -16.23
C ILE A 62 15.69 1.68 -15.37
N GLU A 63 15.86 2.13 -14.13
CA GLU A 63 16.92 1.57 -13.30
C GLU A 63 16.64 0.21 -12.73
N ALA A 64 15.38 0.01 -12.31
CA ALA A 64 14.96 -1.22 -11.62
C ALA A 64 13.50 -1.56 -12.07
N LEU A 65 13.27 -2.84 -12.21
CA LEU A 65 12.00 -3.41 -12.54
C LEU A 65 11.76 -4.49 -11.54
N THR A 66 10.63 -4.42 -10.84
CA THR A 66 10.33 -5.43 -9.84
C THR A 66 9.01 -6.16 -10.25
N LEU A 67 9.08 -7.50 -10.35
CA LEU A 67 7.95 -8.29 -10.92
C LEU A 67 7.34 -9.21 -9.89
N TYR A 68 6.01 -9.20 -9.82
CA TYR A 68 5.33 -10.07 -8.88
C TYR A 68 4.40 -10.99 -9.68
N ALA A 69 4.75 -12.25 -9.76
CA ALA A 69 3.92 -13.27 -10.45
C ALA A 69 2.75 -13.58 -9.54
N PHE A 70 1.56 -13.30 -10.00
CA PHE A 70 0.34 -13.50 -9.23
C PHE A 70 -0.66 -14.04 -10.24
N SER A 71 -1.58 -14.90 -9.86
CA SER A 71 -2.77 -15.17 -10.69
C SER A 71 -4.10 -15.14 -9.89
N SER A 72 -5.10 -14.40 -10.38
CA SER A 72 -6.40 -14.26 -9.73
C SER A 72 -7.19 -15.58 -9.82
N LEU A 85 4.10 -23.85 -6.10
CA LEU A 85 4.32 -23.67 -7.54
C LEU A 85 5.06 -22.34 -7.75
N MET A 86 5.26 -21.69 -6.63
CA MET A 86 6.25 -20.58 -6.55
C MET A 86 7.64 -21.10 -6.94
N GLU A 87 8.01 -22.25 -6.36
CA GLU A 87 9.31 -22.87 -6.61
C GLU A 87 9.40 -23.32 -8.09
N LEU A 88 8.28 -23.70 -8.69
CA LEU A 88 8.30 -24.03 -10.11
C LEU A 88 8.61 -22.81 -10.99
N PHE A 89 8.04 -21.67 -10.61
CA PHE A 89 8.28 -20.38 -11.23
C PHE A 89 9.78 -20.05 -11.17
N VAL A 90 10.35 -20.19 -9.98
CA VAL A 90 11.75 -19.85 -9.79
C VAL A 90 12.69 -20.81 -10.53
N TRP A 91 12.32 -22.08 -10.64
CA TRP A 91 13.11 -23.04 -11.42
C TRP A 91 13.10 -22.68 -12.85
N ALA A 92 11.91 -22.36 -13.32
CA ALA A 92 11.69 -21.85 -14.66
C ALA A 92 12.63 -20.69 -14.94
N LEU A 93 12.65 -19.69 -14.05
CA LEU A 93 13.59 -18.56 -14.15
C LEU A 93 15.09 -18.95 -14.21
N ASP A 94 15.45 -20.10 -13.65
CA ASP A 94 16.88 -20.44 -13.64
C ASP A 94 17.31 -20.67 -15.10
N SER A 95 16.36 -21.07 -15.96
CA SER A 95 16.75 -21.23 -17.35
C SER A 95 16.91 -19.87 -18.15
N GLU A 96 16.64 -18.75 -17.50
CA GLU A 96 16.68 -17.46 -18.18
C GLU A 96 17.93 -16.70 -17.77
N VAL A 97 18.59 -17.19 -16.73
CA VAL A 97 19.62 -16.41 -16.02
C VAL A 97 20.77 -16.11 -16.99
N LYS A 98 21.16 -17.11 -17.78
CA LYS A 98 22.31 -16.90 -18.74
C LYS A 98 21.97 -15.78 -19.73
N SER A 99 20.70 -15.76 -20.19
CA SER A 99 20.32 -14.80 -21.17
C SER A 99 20.16 -13.40 -20.51
N LEU A 100 19.74 -13.34 -19.24
CA LEU A 100 19.67 -12.03 -18.54
C LEU A 100 21.09 -11.44 -18.42
N HIS A 101 22.03 -12.31 -18.08
CA HIS A 101 23.40 -11.93 -17.86
C HIS A 101 23.96 -11.40 -19.12
N ARG A 102 23.65 -12.02 -20.22
CA ARG A 102 24.10 -11.54 -21.50
C ARG A 102 23.45 -10.22 -21.95
N HIS A 103 22.35 -9.89 -21.33
CA HIS A 103 21.76 -8.62 -21.53
C HIS A 103 22.15 -7.58 -20.48
N ASN A 104 23.15 -7.88 -19.68
CA ASN A 104 23.71 -6.94 -18.70
C ASN A 104 22.70 -6.56 -17.60
N VAL A 105 21.78 -7.48 -17.30
CA VAL A 105 20.78 -7.33 -16.22
C VAL A 105 21.34 -7.89 -14.93
N ARG A 106 21.20 -7.12 -13.85
CA ARG A 106 21.52 -7.58 -12.51
C ARG A 106 20.29 -8.20 -11.89
N LEU A 107 20.33 -9.51 -11.55
CA LEU A 107 19.13 -10.24 -11.10
C LEU A 107 19.15 -10.43 -9.58
N ARG A 108 18.02 -10.15 -8.90
CA ARG A 108 17.86 -10.42 -7.46
C ARG A 108 16.47 -11.02 -7.23
N ILE A 109 16.37 -11.94 -6.28
CA ILE A 109 15.10 -12.54 -5.85
C ILE A 109 14.68 -11.90 -4.52
N ILE A 110 13.44 -11.41 -4.37
CA ILE A 110 13.05 -10.82 -3.06
C ILE A 110 11.97 -11.76 -2.61
N GLY A 111 11.92 -12.07 -1.31
CA GLY A 111 10.86 -13.01 -0.87
C GLY A 111 11.50 -13.99 0.13
N ASP A 112 10.65 -14.80 0.76
CA ASP A 112 11.15 -15.77 1.74
C ASP A 112 11.51 -17.09 1.04
N THR A 113 12.79 -17.22 0.73
CA THR A 113 13.33 -18.36 0.00
C THR A 113 14.00 -19.36 0.97
N SER A 114 13.89 -19.09 2.27
CA SER A 114 14.59 -19.93 3.24
C SER A 114 14.07 -21.39 3.32
N ARG A 115 12.81 -21.63 2.95
CA ARG A 115 12.20 -22.98 2.99
C ARG A 115 12.16 -23.70 1.63
N PHE A 116 12.74 -23.04 0.64
CA PHE A 116 12.90 -23.53 -0.70
C PHE A 116 13.95 -24.60 -0.79
N ASN A 117 14.00 -25.29 -1.91
CA ASN A 117 14.90 -26.42 -1.81
C ASN A 117 16.29 -25.83 -1.78
N SER A 118 17.19 -26.63 -1.26
CA SER A 118 18.58 -26.37 -0.90
C SER A 118 19.31 -26.21 -2.23
N ARG A 119 18.94 -27.02 -3.21
CA ARG A 119 19.57 -26.96 -4.55
C ARG A 119 19.12 -25.68 -5.26
N LEU A 120 17.82 -25.35 -5.06
CA LEU A 120 17.19 -24.14 -5.61
C LEU A 120 17.78 -22.91 -4.97
N GLN A 121 17.88 -22.92 -3.63
CA GLN A 121 18.50 -21.83 -2.88
C GLN A 121 19.94 -21.63 -3.31
N GLU A 122 20.62 -22.71 -3.69
CA GLU A 122 22.01 -22.60 -4.13
C GLU A 122 22.06 -21.98 -5.50
N ARG A 123 21.14 -22.39 -6.38
CA ARG A 123 21.01 -21.83 -7.71
C ARG A 123 20.67 -20.34 -7.70
N ILE A 124 19.79 -19.92 -6.80
CA ILE A 124 19.53 -18.48 -6.53
C ILE A 124 20.77 -17.65 -6.15
N ARG A 125 21.47 -18.10 -5.10
CA ARG A 125 22.74 -17.47 -4.69
C ARG A 125 23.73 -17.29 -5.82
N LYS A 126 23.86 -18.32 -6.62
CA LYS A 126 24.83 -18.33 -7.68
C LYS A 126 24.41 -17.36 -8.77
N SER A 127 23.15 -17.42 -9.18
CA SER A 127 22.58 -16.46 -10.18
C SER A 127 22.73 -15.05 -9.76
N GLU A 128 22.50 -14.76 -8.48
CA GLU A 128 22.72 -13.44 -7.94
C GLU A 128 24.20 -13.03 -7.97
N ALA A 129 25.07 -13.97 -7.58
CA ALA A 129 26.54 -13.72 -7.56
C ALA A 129 26.98 -13.37 -8.97
N LEU A 130 26.61 -14.25 -9.90
CA LEU A 130 26.91 -14.12 -11.32
C LEU A 130 26.57 -12.77 -11.95
N THR A 131 25.41 -12.21 -11.66
CA THR A 131 24.99 -10.95 -12.30
C THR A 131 25.17 -9.68 -11.47
N ALA A 132 25.70 -9.81 -10.24
CA ALA A 132 25.74 -8.66 -9.32
C ALA A 132 26.59 -7.50 -9.87
N GLY A 133 27.50 -7.82 -10.78
CA GLY A 133 28.35 -6.80 -11.41
C GLY A 133 27.78 -6.15 -12.66
N ASN A 134 26.58 -6.59 -13.09
CA ASN A 134 25.98 -5.99 -14.30
C ASN A 134 25.51 -4.57 -14.10
N THR A 135 25.64 -3.74 -15.15
CA THR A 135 25.37 -2.33 -15.03
C THR A 135 24.08 -1.88 -15.69
N GLY A 136 23.34 -2.81 -16.30
CA GLY A 136 22.13 -2.39 -16.99
C GLY A 136 20.99 -2.49 -15.99
N LEU A 137 19.87 -2.98 -16.44
CA LEU A 137 18.68 -2.97 -15.56
C LEU A 137 18.88 -3.81 -14.33
N THR A 138 18.38 -3.33 -13.18
CA THR A 138 18.25 -4.23 -12.03
C THR A 138 16.81 -4.85 -12.03
N LEU A 139 16.74 -6.17 -12.11
CA LEU A 139 15.47 -6.91 -12.14
C LEU A 139 15.30 -7.65 -10.83
N ASN A 140 14.26 -7.30 -10.09
CA ASN A 140 13.87 -7.97 -8.86
C ASN A 140 12.66 -8.86 -9.11
N ILE A 141 12.85 -10.15 -8.84
CA ILE A 141 11.76 -11.12 -8.96
C ILE A 141 11.26 -11.51 -7.60
N ALA A 142 9.95 -11.27 -7.35
CA ALA A 142 9.33 -11.71 -6.09
C ALA A 142 9.08 -13.23 -6.11
N ALA A 143 9.61 -13.93 -5.13
CA ALA A 143 9.36 -15.38 -5.04
C ALA A 143 9.02 -15.60 -3.62
N ASN A 144 7.78 -16.05 -3.36
CA ASN A 144 7.26 -16.22 -2.03
C ASN A 144 7.40 -14.90 -1.28
N TYR A 145 6.97 -13.81 -1.94
CA TYR A 145 7.13 -12.46 -1.38
C TYR A 145 5.77 -11.99 -0.82
N GLY A 146 5.76 -11.27 0.33
CA GLY A 146 4.55 -10.56 0.80
C GLY A 146 4.98 -9.23 1.38
N GLY A 147 4.20 -8.14 1.18
CA GLY A 147 4.60 -6.81 1.72
C GLY A 147 4.67 -6.84 3.26
N ARG A 148 3.73 -7.60 3.86
CA ARG A 148 3.70 -7.69 5.35
C ARG A 148 4.92 -8.51 5.84
N TRP A 149 5.22 -9.61 5.17
CA TRP A 149 6.40 -10.40 5.46
C TRP A 149 7.66 -9.57 5.39
N ASP A 150 7.77 -8.76 4.36
CA ASP A 150 8.96 -7.90 4.10
C ASP A 150 9.16 -6.91 5.29
N ILE A 151 8.06 -6.31 5.73
CA ILE A 151 8.10 -5.42 6.88
C ILE A 151 8.50 -6.23 8.12
N VAL A 152 7.88 -7.39 8.29
CA VAL A 152 8.20 -8.24 9.47
C VAL A 152 9.70 -8.66 9.48
N GLN A 153 10.24 -9.07 8.35
CA GLN A 153 11.62 -9.43 8.36
C GLN A 153 12.49 -8.22 8.77
N GLY A 154 12.11 -7.00 8.35
CA GLY A 154 12.94 -5.81 8.68
C GLY A 154 12.87 -5.58 10.19
N VAL A 155 11.67 -5.81 10.75
CA VAL A 155 11.42 -5.63 12.15
C VAL A 155 12.23 -6.66 12.94
N ARG A 156 12.26 -7.92 12.51
CA ARG A 156 13.11 -8.93 13.16
C ARG A 156 14.60 -8.57 13.15
N GLN A 157 15.09 -7.90 12.10
CA GLN A 157 16.53 -7.57 12.06
C GLN A 157 16.75 -6.47 13.10
N LEU A 158 15.81 -5.49 13.17
CA LEU A 158 15.90 -4.47 14.20
C LEU A 158 15.81 -5.04 15.63
N ALA A 159 14.91 -5.99 15.83
CA ALA A 159 14.69 -6.56 17.18
C ALA A 159 15.98 -7.32 17.65
N GLU A 160 16.67 -8.00 16.71
CA GLU A 160 17.96 -8.68 17.04
C GLU A 160 18.99 -7.66 17.51
N LYS A 161 19.01 -6.49 16.87
CA LYS A 161 19.96 -5.45 17.20
C LYS A 161 19.61 -4.84 18.57
N VAL A 162 18.33 -4.74 18.88
CA VAL A 162 17.97 -4.32 20.24
C VAL A 162 18.38 -5.39 21.22
N GLN A 163 18.10 -6.66 20.94
CA GLN A 163 18.46 -7.72 21.87
C GLN A 163 19.97 -7.80 22.15
N GLN A 164 20.81 -7.64 21.12
CA GLN A 164 22.30 -7.51 21.24
C GLN A 164 22.77 -6.28 22.05
N GLY A 165 21.87 -5.35 22.36
CA GLY A 165 22.24 -4.09 22.98
C GLY A 165 22.84 -3.07 22.01
N ASN A 166 22.81 -3.35 20.72
CA ASN A 166 23.33 -2.36 19.76
C ASN A 166 22.39 -1.16 19.44
N LEU A 167 21.10 -1.33 19.64
CA LEU A 167 20.10 -0.40 19.16
C LEU A 167 19.12 -0.03 20.28
N GLN A 168 18.81 1.25 20.45
CA GLN A 168 17.77 1.68 21.43
C GLN A 168 16.33 1.74 20.80
N PRO A 169 15.30 1.20 21.50
CA PRO A 169 13.97 1.26 20.90
C PRO A 169 13.68 2.67 20.38
N ASP A 170 14.07 3.65 21.12
CA ASP A 170 13.83 5.05 20.82
C ASP A 170 14.53 5.62 19.60
N GLN A 171 15.52 4.94 19.10
CA GLN A 171 16.30 5.44 17.96
C GLN A 171 15.64 4.96 16.66
N ILE A 172 14.73 4.00 16.78
CA ILE A 172 14.00 3.47 15.60
C ILE A 172 13.03 4.52 14.98
N ASP A 173 13.26 4.90 13.73
CA ASP A 173 12.38 5.81 13.06
C ASP A 173 12.11 5.25 11.68
N GLU A 174 11.36 5.98 10.89
CA GLU A 174 11.02 5.51 9.53
C GLU A 174 12.25 5.24 8.67
N GLU A 175 13.21 6.19 8.73
CA GLU A 175 14.45 6.07 7.93
C GLU A 175 15.13 4.82 8.32
N MET A 176 15.11 4.46 9.59
CA MET A 176 15.81 3.26 9.98
C MET A 176 15.11 2.01 9.51
N LEU A 177 13.81 1.90 9.75
CA LEU A 177 13.13 0.74 9.22
C LEU A 177 13.23 0.69 7.68
N ASN A 178 13.23 1.84 7.01
CA ASN A 178 13.38 1.87 5.57
C ASN A 178 14.65 1.12 5.08
N GLN A 179 15.73 1.31 5.83
CA GLN A 179 17.00 0.68 5.58
C GLN A 179 16.97 -0.82 5.80
N HIS A 180 15.90 -1.37 6.34
CA HIS A 180 15.89 -2.79 6.60
C HIS A 180 14.82 -3.57 5.76
N VAL A 181 14.12 -2.92 4.84
CA VAL A 181 13.13 -3.61 3.96
C VAL A 181 13.77 -3.91 2.60
N CYS A 182 13.15 -4.77 1.78
CA CYS A 182 13.78 -5.13 0.49
C CYS A 182 13.88 -3.91 -0.39
N MET A 183 14.95 -3.89 -1.18
CA MET A 183 15.21 -2.88 -2.21
C MET A 183 15.54 -1.53 -1.65
N HIS A 184 15.87 -1.45 -0.35
CA HIS A 184 16.08 -0.08 0.21
C HIS A 184 17.24 0.65 -0.46
N GLU A 185 18.13 -0.13 -1.09
CA GLU A 185 19.29 0.52 -1.74
C GLU A 185 19.03 0.94 -3.18
N LEU A 186 17.84 0.58 -3.71
CA LEU A 186 17.48 1.01 -5.06
C LEU A 186 16.69 2.29 -5.09
N ALA A 187 16.51 2.92 -6.26
CA ALA A 187 15.61 4.11 -6.33
C ALA A 187 14.21 3.72 -5.73
N PRO A 188 13.52 4.62 -5.03
CA PRO A 188 12.13 4.33 -4.59
C PRO A 188 11.25 3.92 -5.78
N VAL A 189 10.21 3.14 -5.48
CA VAL A 189 9.31 2.71 -6.60
C VAL A 189 8.49 3.88 -7.02
N ASP A 190 8.55 4.28 -8.29
CA ASP A 190 7.82 5.43 -8.78
C ASP A 190 6.46 5.03 -9.29
N LEU A 191 6.34 3.81 -9.79
CA LEU A 191 5.11 3.46 -10.51
C LEU A 191 4.82 1.99 -10.27
N VAL A 192 3.57 1.65 -9.92
CA VAL A 192 3.15 0.27 -9.82
C VAL A 192 2.09 0.03 -10.88
N ILE A 193 2.31 -0.97 -11.72
CA ILE A 193 1.37 -1.31 -12.79
C ILE A 193 0.70 -2.62 -12.36
N ARG A 194 -0.63 -2.72 -12.42
CA ARG A 194 -1.22 -4.04 -12.26
C ARG A 194 -2.12 -4.37 -13.48
N THR A 195 -1.79 -5.48 -14.19
CA THR A 195 -2.55 -5.89 -15.36
C THR A 195 -3.67 -6.80 -14.86
N GLY A 196 -4.63 -7.08 -15.75
CA GLY A 196 -5.55 -8.17 -15.44
C GLY A 196 -6.89 -7.63 -14.95
N GLY A 197 -7.00 -6.35 -14.64
CA GLY A 197 -8.30 -5.78 -14.24
C GLY A 197 -8.66 -5.66 -12.76
N GLU A 198 -7.94 -6.29 -11.81
CA GLU A 198 -8.26 -6.09 -10.36
C GLU A 198 -7.60 -4.83 -9.85
N HIS A 199 -8.18 -4.18 -8.86
CA HIS A 199 -7.77 -2.93 -8.31
C HIS A 199 -7.55 -3.31 -6.83
N ARG A 200 -6.44 -3.94 -6.58
CA ARG A 200 -5.72 -4.01 -5.32
C ARG A 200 -4.24 -4.32 -5.38
N ILE A 201 -3.64 -4.23 -4.22
CA ILE A 201 -2.21 -4.52 -4.08
C ILE A 201 -1.95 -5.99 -3.81
N SER A 202 -2.91 -6.69 -3.23
CA SER A 202 -2.75 -8.14 -2.99
C SER A 202 -1.45 -8.45 -2.26
N ASN A 203 -1.06 -7.59 -1.30
CA ASN A 203 0.08 -7.88 -0.37
C ASN A 203 1.43 -8.00 -1.19
N PHE A 204 1.48 -7.27 -2.29
CA PHE A 204 2.75 -6.94 -2.95
C PHE A 204 3.41 -5.89 -2.08
N LEU A 205 4.40 -5.17 -2.58
CA LEU A 205 4.99 -4.01 -1.84
C LEU A 205 3.97 -3.20 -1.06
N LEU A 206 4.25 -2.91 0.22
CA LEU A 206 3.33 -2.01 1.00
C LEU A 206 4.14 -0.78 1.44
N TRP A 207 5.17 -1.03 2.24
CA TRP A 207 6.03 0.05 2.75
C TRP A 207 6.53 0.86 1.59
N GLN A 208 7.00 0.16 0.58
CA GLN A 208 7.70 0.85 -0.51
C GLN A 208 6.78 1.59 -1.43
N ILE A 209 5.46 1.38 -1.32
CA ILE A 209 4.62 2.10 -2.31
C ILE A 209 3.85 3.28 -1.73
N ALA A 210 4.31 3.75 -0.55
CA ALA A 210 3.65 4.90 0.14
C ALA A 210 3.44 6.07 -0.79
N TYR A 211 4.36 6.30 -1.72
CA TYR A 211 4.25 7.49 -2.61
C TYR A 211 4.19 7.15 -4.08
N ALA A 212 4.02 5.86 -4.42
CA ALA A 212 4.14 5.45 -5.83
C ALA A 212 2.88 5.83 -6.59
N GLU A 213 2.99 6.14 -7.88
CA GLU A 213 1.80 6.22 -8.75
C GLU A 213 1.23 4.77 -8.99
N LEU A 214 -0.10 4.56 -8.97
CA LEU A 214 -0.68 3.23 -9.14
C LEU A 214 -1.42 3.28 -10.49
N TYR A 215 -1.10 2.34 -11.36
CA TYR A 215 -1.70 2.29 -12.72
C TYR A 215 -2.35 0.89 -12.91
N PHE A 216 -3.65 0.85 -13.10
CA PHE A 216 -4.38 -0.42 -13.25
C PHE A 216 -4.81 -0.47 -14.69
N THR A 217 -4.61 -1.61 -15.33
CA THR A 217 -5.05 -1.77 -16.73
C THR A 217 -5.80 -3.12 -16.81
N ASP A 218 -6.91 -3.18 -17.59
CA ASP A 218 -7.65 -4.43 -17.79
C ASP A 218 -6.85 -5.35 -18.73
N VAL A 219 -5.83 -4.83 -19.40
CA VAL A 219 -5.03 -5.72 -20.24
C VAL A 219 -4.51 -6.94 -19.47
N LEU A 220 -4.64 -8.14 -20.04
CA LEU A 220 -4.19 -9.33 -19.36
C LEU A 220 -2.66 -9.40 -19.61
N TRP A 221 -1.90 -9.93 -18.64
CA TRP A 221 -0.46 -9.98 -18.66
C TRP A 221 0.16 -10.48 -19.97
N PRO A 222 -0.30 -11.65 -20.51
CA PRO A 222 0.34 -12.09 -21.75
C PRO A 222 0.19 -11.07 -22.93
N ASP A 223 -0.88 -10.25 -22.93
CA ASP A 223 -1.06 -9.24 -24.00
C ASP A 223 -0.42 -7.92 -23.71
N PHE A 224 0.17 -7.77 -22.52
CA PHE A 224 0.71 -6.41 -22.14
C PHE A 224 2.01 -6.22 -22.91
N ASP A 225 2.11 -5.25 -23.83
CA ASP A 225 3.27 -5.24 -24.73
C ASP A 225 3.90 -3.84 -24.67
N GLU A 226 4.97 -3.61 -25.44
CA GLU A 226 5.69 -2.35 -25.36
C GLU A 226 4.84 -1.11 -25.39
N GLN A 227 3.83 -1.08 -26.23
CA GLN A 227 3.01 0.09 -26.32
C GLN A 227 2.22 0.29 -25.03
N ASP A 228 1.70 -0.81 -24.49
CA ASP A 228 1.07 -0.70 -23.15
C ASP A 228 2.03 -0.18 -22.03
N PHE A 229 3.27 -0.62 -22.06
CA PHE A 229 4.27 -0.22 -21.09
C PHE A 229 4.57 1.24 -21.35
N GLU A 230 4.71 1.61 -22.62
CA GLU A 230 4.94 3.05 -22.92
C GLU A 230 3.84 3.84 -22.39
N GLY A 231 2.61 3.35 -22.56
CA GLY A 231 1.45 4.11 -22.10
C GLY A 231 1.44 4.32 -20.59
N ALA A 232 1.85 3.33 -19.82
CA ALA A 232 1.91 3.50 -18.36
C ALA A 232 3.01 4.51 -17.97
N LEU A 233 4.16 4.43 -18.63
CA LEU A 233 5.23 5.39 -18.35
C LEU A 233 4.81 6.82 -18.72
N ASN A 234 4.07 6.98 -19.81
CA ASN A 234 3.74 8.32 -20.23
C ASN A 234 2.60 8.81 -19.33
N ALA A 235 1.82 7.87 -18.79
CA ALA A 235 0.83 8.32 -17.83
C ALA A 235 1.52 8.79 -16.53
N PHE A 236 2.59 8.13 -16.10
CA PHE A 236 3.32 8.55 -14.95
C PHE A 236 3.93 9.94 -15.27
N ALA A 237 4.56 10.09 -16.44
CA ALA A 237 5.24 11.39 -16.75
C ALA A 237 4.21 12.52 -16.74
N ASN A 238 3.00 12.29 -17.24
CA ASN A 238 1.97 13.37 -17.31
C ASN A 238 1.31 13.63 -15.96
N ARG A 239 1.40 12.70 -15.05
CA ARG A 239 0.76 12.82 -13.77
C ARG A 239 1.67 13.32 -12.64
N GLU A 240 2.97 13.09 -12.75
CA GLU A 240 3.92 13.37 -11.68
C GLU A 240 4.11 14.85 -11.39
N GLY B 17 -20.71 -8.04 2.32
CA GLY B 17 -20.78 -6.57 2.11
C GLY B 17 -19.48 -5.91 2.52
N CYS B 18 -19.44 -4.63 2.40
CA CYS B 18 -18.27 -3.89 2.71
C CYS B 18 -18.34 -3.53 4.20
N ARG B 19 -17.37 -3.93 5.01
CA ARG B 19 -17.47 -3.63 6.46
C ARG B 19 -16.68 -2.38 6.86
N HIS B 20 -15.59 -2.07 6.14
CA HIS B 20 -14.74 -0.97 6.63
C HIS B 20 -14.27 -0.19 5.40
N VAL B 21 -14.65 1.07 5.29
CA VAL B 21 -14.28 1.87 4.10
C VAL B 21 -13.30 2.90 4.61
N ALA B 22 -12.22 3.16 3.85
CA ALA B 22 -11.33 4.28 4.20
C ALA B 22 -11.35 5.28 3.03
N ILE B 23 -11.27 6.56 3.32
CA ILE B 23 -11.35 7.56 2.28
C ILE B 23 -10.22 8.56 2.42
N ILE B 24 -9.55 8.85 1.31
CA ILE B 24 -8.56 9.91 1.28
C ILE B 24 -9.32 11.09 0.65
N MET B 25 -9.57 12.13 1.40
CA MET B 25 -10.54 13.15 1.09
C MET B 25 -9.85 14.31 0.35
N ASP B 26 -9.41 14.12 -0.87
CA ASP B 26 -8.62 15.14 -1.51
C ASP B 26 -9.53 15.95 -2.47
N GLY B 27 -9.18 17.24 -2.62
CA GLY B 27 -9.75 18.13 -3.62
C GLY B 27 -10.42 19.39 -3.08
N ASN B 28 -10.37 19.60 -1.76
CA ASN B 28 -10.97 20.81 -1.20
C ASN B 28 -10.39 22.15 -1.81
N GLY B 29 -9.05 22.21 -1.93
CA GLY B 29 -8.30 23.39 -2.41
C GLY B 29 -8.61 23.65 -3.88
N ARG B 30 -8.46 22.61 -4.67
CA ARG B 30 -8.80 22.66 -6.07
C ARG B 30 -10.28 23.05 -6.27
N TRP B 31 -11.16 22.53 -5.43
CA TRP B 31 -12.59 22.88 -5.51
C TRP B 31 -12.84 24.34 -5.22
N ALA B 32 -12.20 24.85 -4.17
CA ALA B 32 -12.26 26.30 -3.85
C ALA B 32 -11.91 27.16 -5.11
N LYS B 33 -10.74 26.85 -5.67
CA LYS B 33 -10.17 27.53 -6.83
C LYS B 33 -11.16 27.46 -8.02
N LYS B 34 -11.62 26.26 -8.40
CA LYS B 34 -12.72 26.16 -9.39
C LYS B 34 -13.97 27.00 -9.10
N GLN B 35 -14.35 27.13 -7.84
CA GLN B 35 -15.50 27.92 -7.46
C GLN B 35 -15.19 29.44 -7.41
N GLY B 36 -13.92 29.79 -7.68
CA GLY B 36 -13.41 31.15 -7.55
C GLY B 36 -13.53 31.68 -6.13
N LYS B 37 -13.14 30.87 -5.14
CA LYS B 37 -13.28 31.27 -3.74
C LYS B 37 -11.96 30.98 -3.06
N ILE B 38 -11.69 31.63 -1.92
CA ILE B 38 -10.49 31.35 -1.13
C ILE B 38 -10.54 29.90 -0.53
N ARG B 39 -9.36 29.37 -0.15
CA ARG B 39 -9.19 28.03 0.48
C ARG B 39 -10.22 27.73 1.59
N ALA B 40 -10.43 28.68 2.52
CA ALA B 40 -11.39 28.51 3.65
C ALA B 40 -12.76 27.98 3.22
N PHE B 41 -13.28 28.50 2.10
CA PHE B 41 -14.55 28.03 1.57
C PHE B 41 -14.52 26.57 1.16
N GLY B 42 -13.39 26.13 0.59
CA GLY B 42 -13.24 24.70 0.22
C GLY B 42 -13.26 23.82 1.46
N HIS B 43 -12.67 24.31 2.57
CA HIS B 43 -12.71 23.53 3.82
C HIS B 43 -14.08 23.36 4.39
N LYS B 44 -14.84 24.42 4.29
CA LYS B 44 -16.17 24.44 4.80
C LYS B 44 -17.08 23.51 3.99
N ALA B 45 -16.96 23.50 2.67
CA ALA B 45 -17.69 22.52 1.82
C ALA B 45 -17.23 21.04 2.06
N GLY B 46 -15.95 20.87 2.29
CA GLY B 46 -15.32 19.58 2.65
C GLY B 46 -15.91 19.08 3.95
N ALA B 47 -16.19 20.00 4.89
CA ALA B 47 -16.75 19.55 6.20
C ALA B 47 -18.19 19.06 6.03
N LYS B 48 -18.89 19.68 5.09
CA LYS B 48 -20.26 19.25 4.78
C LYS B 48 -20.23 17.90 4.13
N SER B 49 -19.25 17.68 3.28
CA SER B 49 -19.16 16.42 2.65
C SER B 49 -18.75 15.31 3.68
N VAL B 50 -17.92 15.64 4.66
CA VAL B 50 -17.71 14.75 5.81
C VAL B 50 -19.05 14.31 6.42
N ARG B 51 -19.90 15.27 6.79
CA ARG B 51 -21.12 14.92 7.53
C ARG B 51 -22.00 14.00 6.69
N ARG B 52 -22.08 14.28 5.42
CA ARG B 52 -22.90 13.49 4.49
C ARG B 52 -22.33 12.07 4.33
N ALA B 53 -20.98 11.89 4.26
CA ALA B 53 -20.38 10.54 4.09
C ALA B 53 -20.54 9.71 5.38
N VAL B 54 -20.37 10.39 6.52
CA VAL B 54 -20.59 9.74 7.83
C VAL B 54 -22.06 9.27 7.97
N SER B 55 -23.00 10.15 7.63
CA SER B 55 -24.42 9.72 7.65
C SER B 55 -24.70 8.58 6.74
N PHE B 56 -24.17 8.65 5.54
CA PHE B 56 -24.40 7.60 4.58
C PHE B 56 -23.84 6.26 5.05
N ALA B 57 -22.61 6.25 5.57
CA ALA B 57 -22.10 5.00 6.10
C ALA B 57 -22.96 4.50 7.32
N ALA B 58 -23.37 5.40 8.20
CA ALA B 58 -24.18 4.98 9.40
C ALA B 58 -25.49 4.34 8.87
N ASN B 59 -26.08 4.96 7.87
CA ASN B 59 -27.34 4.46 7.28
C ASN B 59 -27.31 3.19 6.47
N ASN B 60 -26.12 2.79 6.04
CA ASN B 60 -25.95 1.69 5.15
C ASN B 60 -25.27 0.51 5.75
N GLY B 61 -25.19 0.52 7.08
CA GLY B 61 -24.65 -0.55 7.88
C GLY B 61 -23.13 -0.78 7.78
N ILE B 62 -22.37 0.20 7.28
CA ILE B 62 -20.91 0.04 7.27
C ILE B 62 -20.43 0.04 8.71
N GLU B 63 -19.58 -0.90 9.10
CA GLU B 63 -19.11 -0.93 10.49
C GLU B 63 -18.10 0.14 10.85
N ALA B 64 -17.18 0.42 9.91
CA ALA B 64 -16.12 1.37 10.26
C ALA B 64 -15.86 2.25 9.03
N LEU B 65 -15.61 3.53 9.29
CA LEU B 65 -15.28 4.49 8.28
C LEU B 65 -14.04 5.26 8.75
N THR B 66 -12.96 5.25 7.93
CA THR B 66 -11.68 5.87 8.32
C THR B 66 -11.33 7.03 7.32
N LEU B 67 -11.19 8.29 7.80
CA LEU B 67 -11.22 9.48 6.91
C LEU B 67 -9.86 10.12 7.04
N TYR B 68 -9.21 10.35 5.92
CA TYR B 68 -7.86 10.89 5.99
C TYR B 68 -7.94 12.30 5.39
N ALA B 69 -7.72 13.33 6.18
CA ALA B 69 -7.79 14.71 5.63
C ALA B 69 -6.47 14.94 4.97
N PHE B 70 -6.51 15.31 3.70
CA PHE B 70 -5.30 15.42 2.88
C PHE B 70 -5.46 16.46 1.78
N SER B 71 -4.36 17.11 1.40
CA SER B 71 -4.18 17.70 0.05
C SER B 71 -2.74 18.07 -0.24
N MET B 86 -4.05 20.66 10.63
CA MET B 86 -4.41 19.37 11.27
C MET B 86 -5.05 19.57 12.69
N GLU B 87 -4.29 20.15 13.61
CA GLU B 87 -4.79 20.43 14.95
C GLU B 87 -6.09 21.23 14.85
N LEU B 88 -6.16 22.11 13.86
CA LEU B 88 -7.28 22.95 13.47
C LEU B 88 -8.46 22.18 12.92
N PHE B 89 -8.16 21.10 12.24
CA PHE B 89 -9.13 20.14 11.72
C PHE B 89 -9.77 19.39 12.88
N VAL B 90 -8.95 18.96 13.83
CA VAL B 90 -9.44 18.28 15.02
C VAL B 90 -10.35 19.20 15.81
N TRP B 91 -10.04 20.49 15.83
CA TRP B 91 -10.84 21.46 16.53
C TRP B 91 -12.21 21.57 15.99
N ALA B 92 -12.32 21.63 14.67
CA ALA B 92 -13.63 21.79 14.00
C ALA B 92 -14.58 20.62 14.34
N LEU B 93 -13.99 19.45 14.56
CA LEU B 93 -14.76 18.23 14.92
C LEU B 93 -15.33 18.30 16.33
N ASP B 94 -14.63 19.04 17.19
CA ASP B 94 -15.00 19.11 18.59
C ASP B 94 -16.48 19.40 18.77
N SER B 95 -17.07 20.33 18.00
CA SER B 95 -18.49 20.64 18.16
C SER B 95 -19.51 19.60 17.61
N GLU B 96 -19.01 18.58 16.91
CA GLU B 96 -19.85 17.49 16.32
C GLU B 96 -20.04 16.28 17.25
N VAL B 97 -19.29 16.24 18.33
CA VAL B 97 -19.20 15.04 19.16
C VAL B 97 -20.54 14.68 19.77
N LYS B 98 -21.28 15.69 20.23
CA LYS B 98 -22.53 15.44 20.91
C LYS B 98 -23.51 14.69 20.00
N SER B 99 -23.58 15.13 18.77
CA SER B 99 -24.42 14.57 17.80
C SER B 99 -23.97 13.19 17.42
N LEU B 100 -22.67 13.00 17.25
CA LEU B 100 -22.13 11.67 16.93
C LEU B 100 -22.54 10.65 18.02
N HIS B 101 -22.32 11.04 19.25
CA HIS B 101 -22.62 10.21 20.40
C HIS B 101 -24.09 9.83 20.41
N ARG B 102 -24.94 10.82 20.18
CA ARG B 102 -26.37 10.59 20.03
C ARG B 102 -26.70 9.57 18.94
N HIS B 103 -25.89 9.50 17.88
CA HIS B 103 -26.10 8.51 16.81
C HIS B 103 -25.42 7.21 17.01
N ASN B 104 -25.02 6.94 18.25
CA ASN B 104 -24.33 5.70 18.61
C ASN B 104 -22.97 5.48 17.83
N VAL B 105 -22.30 6.57 17.50
CA VAL B 105 -21.02 6.56 16.77
C VAL B 105 -19.83 6.54 17.78
N ARG B 106 -18.90 5.63 17.52
CA ARG B 106 -17.68 5.51 18.33
C ARG B 106 -16.63 6.33 17.56
N LEU B 107 -16.13 7.40 18.17
CA LEU B 107 -15.14 8.27 17.53
C LEU B 107 -13.71 7.91 18.00
N ARG B 108 -12.77 7.75 17.07
CA ARG B 108 -11.37 7.59 17.42
C ARG B 108 -10.55 8.50 16.55
N ILE B 109 -9.49 9.07 17.10
CA ILE B 109 -8.57 9.88 16.33
C ILE B 109 -7.34 8.97 16.15
N ILE B 110 -6.85 8.78 14.94
CA ILE B 110 -5.62 7.94 14.76
C ILE B 110 -4.51 8.84 14.22
N GLY B 111 -3.27 8.66 14.67
CA GLY B 111 -2.22 9.59 14.20
C GLY B 111 -1.42 10.12 15.38
N ASP B 112 -0.38 10.89 15.09
CA ASP B 112 0.52 11.36 16.17
C ASP B 112 -0.01 12.72 16.67
N THR B 113 -0.77 12.63 17.74
CA THR B 113 -1.35 13.81 18.41
C THR B 113 -0.49 14.25 19.61
N SER B 114 0.61 13.53 19.86
CA SER B 114 1.42 13.72 21.08
C SER B 114 2.12 15.09 21.13
N ARG B 115 2.14 15.82 20.05
CA ARG B 115 2.63 17.17 20.14
C ARG B 115 1.54 18.23 19.88
N PHE B 116 0.28 17.82 19.87
CA PHE B 116 -0.80 18.77 19.78
C PHE B 116 -0.84 19.53 21.09
N ASN B 117 -1.37 20.72 21.12
CA ASN B 117 -1.43 21.34 22.46
C ASN B 117 -2.23 20.51 23.44
N SER B 118 -1.93 20.67 24.72
CA SER B 118 -2.41 19.72 25.73
C SER B 118 -3.90 19.84 25.95
N ARG B 119 -4.41 21.04 25.71
CA ARG B 119 -5.83 21.27 25.78
C ARG B 119 -6.60 20.46 24.68
N LEU B 120 -6.14 20.57 23.43
CA LEU B 120 -6.70 19.76 22.35
C LEU B 120 -6.57 18.25 22.63
N GLN B 121 -5.42 17.78 23.15
CA GLN B 121 -5.24 16.36 23.47
C GLN B 121 -6.25 15.93 24.48
N GLU B 122 -6.49 16.81 25.45
CA GLU B 122 -7.46 16.53 26.49
C GLU B 122 -8.86 16.40 25.92
N ARG B 123 -9.24 17.26 25.02
CA ARG B 123 -10.54 17.16 24.37
C ARG B 123 -10.72 15.93 23.52
N ILE B 124 -9.69 15.57 22.78
CA ILE B 124 -9.67 14.29 22.00
C ILE B 124 -9.91 13.13 22.96
N ARG B 125 -9.16 13.15 24.06
CA ARG B 125 -9.21 12.03 25.01
C ARG B 125 -10.63 11.93 25.57
N LYS B 126 -11.26 13.07 25.82
CA LYS B 126 -12.64 13.09 26.35
C LYS B 126 -13.71 12.66 25.35
N SER B 127 -13.57 13.09 24.09
CA SER B 127 -14.47 12.64 23.04
C SER B 127 -14.38 11.16 22.78
N GLU B 128 -13.18 10.63 22.81
CA GLU B 128 -12.97 9.20 22.64
C GLU B 128 -13.58 8.42 23.79
N ALA B 129 -13.29 8.84 25.00
CA ALA B 129 -13.86 8.14 26.19
C ALA B 129 -15.43 8.24 26.24
N LEU B 130 -16.00 9.40 25.94
CA LEU B 130 -17.45 9.55 25.84
C LEU B 130 -18.10 8.52 24.92
N THR B 131 -17.55 8.31 23.72
CA THR B 131 -18.24 7.49 22.73
C THR B 131 -17.69 6.05 22.69
N ALA B 132 -16.75 5.71 23.58
CA ALA B 132 -15.97 4.45 23.43
C ALA B 132 -16.81 3.20 23.56
N GLY B 133 -17.90 3.33 24.31
CA GLY B 133 -18.90 2.29 24.55
C GLY B 133 -19.97 2.22 23.47
N ASN B 134 -19.90 3.09 22.45
CA ASN B 134 -20.96 3.06 21.38
C ASN B 134 -20.82 1.84 20.48
N THR B 135 -21.94 1.33 19.97
CA THR B 135 -21.86 0.12 19.19
C THR B 135 -22.32 0.31 17.75
N GLY B 136 -22.54 1.55 17.30
CA GLY B 136 -22.87 1.76 15.92
C GLY B 136 -21.60 1.86 15.07
N LEU B 137 -21.59 2.82 14.18
CA LEU B 137 -20.49 3.02 13.22
C LEU B 137 -19.24 3.44 14.00
N THR B 138 -18.10 2.85 13.74
CA THR B 138 -16.86 3.41 14.32
C THR B 138 -16.28 4.39 13.29
N LEU B 139 -16.13 5.65 13.65
CA LEU B 139 -15.52 6.66 12.79
C LEU B 139 -14.07 6.91 13.26
N ASN B 140 -13.08 6.60 12.41
CA ASN B 140 -11.72 6.96 12.73
C ASN B 140 -11.34 8.17 11.89
N ILE B 141 -10.82 9.20 12.55
CA ILE B 141 -10.36 10.39 11.90
C ILE B 141 -8.81 10.41 12.00
N ALA B 142 -8.17 10.39 10.83
CA ALA B 142 -6.71 10.29 10.81
C ALA B 142 -6.16 11.68 10.76
N ALA B 143 -5.55 12.06 11.90
CA ALA B 143 -4.94 13.39 12.24
C ALA B 143 -3.43 13.32 12.49
N ASN B 144 -2.67 14.02 11.64
CA ASN B 144 -1.22 13.83 11.66
C ASN B 144 -0.85 12.33 11.60
N TYR B 145 -1.52 11.61 10.71
CA TYR B 145 -1.36 10.18 10.54
C TYR B 145 -0.43 9.92 9.31
N GLY B 146 0.39 8.89 9.38
CA GLY B 146 1.16 8.40 8.20
C GLY B 146 1.17 6.89 8.33
N GLY B 147 1.01 6.20 7.21
CA GLY B 147 1.08 4.76 7.26
C GLY B 147 2.42 4.18 7.77
N ARG B 148 3.52 4.82 7.35
CA ARG B 148 4.88 4.43 7.81
C ARG B 148 5.06 4.71 9.30
N TRP B 149 4.58 5.85 9.76
CA TRP B 149 4.55 6.20 11.17
C TRP B 149 3.82 5.18 11.99
N ASP B 150 2.68 4.76 11.50
CA ASP B 150 1.82 3.84 12.16
C ASP B 150 2.58 2.51 12.40
N ILE B 151 3.22 2.01 11.34
CA ILE B 151 4.07 0.80 11.44
C ILE B 151 5.20 1.03 12.45
N VAL B 152 5.88 2.16 12.34
CA VAL B 152 7.01 2.45 13.20
C VAL B 152 6.62 2.50 14.66
N GLN B 153 5.48 3.14 15.02
CA GLN B 153 5.12 3.17 16.44
C GLN B 153 4.81 1.76 16.93
N GLY B 154 4.24 0.91 16.06
CA GLY B 154 4.09 -0.49 16.41
C GLY B 154 5.46 -1.21 16.58
N VAL B 155 6.44 -0.85 15.76
CA VAL B 155 7.73 -1.55 15.83
C VAL B 155 8.41 -1.13 17.16
N ARG B 156 8.29 0.17 17.46
CA ARG B 156 8.87 0.74 18.72
C ARG B 156 8.36 0.06 19.98
N GLN B 157 7.05 -0.19 20.01
CA GLN B 157 6.46 -1.00 21.07
C GLN B 157 7.05 -2.36 21.15
N LEU B 158 7.18 -3.05 20.02
CA LEU B 158 7.73 -4.39 20.06
C LEU B 158 9.21 -4.34 20.54
N ALA B 159 9.90 -3.29 20.13
CA ALA B 159 11.32 -3.06 20.44
C ALA B 159 11.49 -2.90 21.98
N GLU B 160 10.60 -2.13 22.63
CA GLU B 160 10.53 -2.04 24.12
C GLU B 160 10.38 -3.43 24.74
N LYS B 161 9.50 -4.27 24.17
CA LYS B 161 9.29 -5.62 24.71
C LYS B 161 10.50 -6.50 24.63
N VAL B 162 11.21 -6.40 23.51
CA VAL B 162 12.44 -7.13 23.34
C VAL B 162 13.43 -6.69 24.40
N GLN B 163 13.59 -5.38 24.57
CA GLN B 163 14.60 -4.82 25.45
C GLN B 163 14.39 -5.25 26.91
N GLN B 164 13.14 -5.32 27.32
CA GLN B 164 12.81 -5.83 28.67
C GLN B 164 12.76 -7.35 28.79
N GLY B 165 13.13 -8.08 27.73
CA GLY B 165 13.19 -9.54 27.80
C GLY B 165 11.80 -10.15 27.77
N ASN B 166 10.79 -9.34 27.55
CA ASN B 166 9.44 -9.84 27.40
C ASN B 166 9.14 -10.50 26.00
N LEU B 167 10.11 -10.52 25.09
CA LEU B 167 9.81 -10.94 23.72
C LEU B 167 11.06 -11.35 22.95
N GLN B 168 11.02 -12.52 22.35
CA GLN B 168 12.10 -12.94 21.49
C GLN B 168 11.95 -12.41 20.06
N PRO B 169 13.04 -11.89 19.47
CA PRO B 169 13.05 -11.51 18.07
C PRO B 169 12.40 -12.53 17.15
N ASP B 170 12.64 -13.83 17.33
CA ASP B 170 12.03 -14.76 16.36
C ASP B 170 10.55 -15.08 16.58
N GLN B 171 9.99 -14.66 17.71
CA GLN B 171 8.56 -14.76 18.00
C GLN B 171 7.78 -13.67 17.23
N ILE B 172 8.43 -12.59 16.77
CA ILE B 172 7.66 -11.50 16.10
C ILE B 172 7.12 -11.99 14.74
N ASP B 173 5.79 -12.08 14.57
CA ASP B 173 5.25 -12.40 13.23
C ASP B 173 4.26 -11.37 12.71
N GLU B 174 3.61 -11.62 11.58
CA GLU B 174 2.58 -10.66 11.04
C GLU B 174 1.46 -10.44 12.02
N GLU B 175 0.93 -11.53 12.54
CA GLU B 175 -0.13 -11.41 13.55
C GLU B 175 0.21 -10.46 14.69
N MET B 176 1.38 -10.65 15.29
CA MET B 176 1.81 -9.80 16.35
C MET B 176 2.04 -8.36 15.92
N LEU B 177 2.70 -8.11 14.78
CA LEU B 177 2.79 -6.69 14.38
C LEU B 177 1.35 -6.12 14.15
N ASN B 178 0.48 -6.95 13.62
CA ASN B 178 -0.87 -6.46 13.29
C ASN B 178 -1.59 -5.91 14.55
N GLN B 179 -1.33 -6.55 15.69
CA GLN B 179 -1.88 -6.21 16.99
C GLN B 179 -1.40 -4.91 17.53
N HIS B 180 -0.33 -4.40 16.93
CA HIS B 180 0.24 -3.16 17.41
C HIS B 180 0.11 -2.02 16.41
N VAL B 181 -0.61 -2.21 15.30
CA VAL B 181 -0.83 -1.08 14.37
C VAL B 181 -2.26 -0.63 14.57
N CYS B 182 -2.55 0.61 14.12
CA CYS B 182 -3.88 1.19 14.28
C CYS B 182 -4.99 0.29 13.77
N MET B 183 -6.15 0.33 14.44
CA MET B 183 -7.34 -0.34 13.99
C MET B 183 -7.37 -1.87 14.05
N HIS B 184 -6.45 -2.47 14.80
CA HIS B 184 -6.39 -3.91 14.83
C HIS B 184 -7.62 -4.53 15.48
N GLU B 185 -8.43 -3.77 16.19
CA GLU B 185 -9.65 -4.36 16.71
C GLU B 185 -10.84 -4.25 15.78
N LEU B 186 -10.71 -3.59 14.63
CA LEU B 186 -11.85 -3.42 13.69
C LEU B 186 -11.84 -4.41 12.52
N ALA B 187 -12.96 -4.54 11.80
CA ALA B 187 -12.93 -5.28 10.55
C ALA B 187 -11.78 -4.82 9.65
N PRO B 188 -11.17 -5.75 8.88
CA PRO B 188 -10.16 -5.36 7.92
C PRO B 188 -10.73 -4.36 6.90
N VAL B 189 -9.87 -3.44 6.47
CA VAL B 189 -10.25 -2.45 5.46
C VAL B 189 -10.56 -3.18 4.16
N ASP B 190 -11.75 -3.00 3.72
CA ASP B 190 -12.21 -3.70 2.52
C ASP B 190 -12.01 -2.80 1.34
N LEU B 191 -12.11 -1.46 1.53
CA LEU B 191 -12.27 -0.56 0.32
C LEU B 191 -11.64 0.75 0.67
N VAL B 192 -10.79 1.28 -0.24
CA VAL B 192 -10.18 2.60 -0.04
C VAL B 192 -10.65 3.43 -1.23
N ILE B 193 -11.17 4.62 -0.95
CA ILE B 193 -11.68 5.54 -1.96
C ILE B 193 -10.72 6.72 -1.93
N ARG B 194 -10.20 7.14 -3.08
CA ARG B 194 -9.52 8.44 -3.12
C ARG B 194 -10.25 9.38 -4.12
N THR B 195 -10.67 10.56 -3.65
CA THR B 195 -11.30 11.59 -4.46
C THR B 195 -10.18 12.47 -4.96
N GLY B 196 -10.45 13.29 -5.94
CA GLY B 196 -9.52 14.39 -6.17
C GLY B 196 -8.70 14.15 -7.41
N GLY B 197 -8.78 12.96 -7.97
CA GLY B 197 -8.11 12.63 -9.26
C GLY B 197 -6.73 12.02 -9.13
N GLU B 198 -6.06 12.07 -7.96
CA GLU B 198 -4.68 11.40 -7.89
C GLU B 198 -4.75 9.90 -7.63
N HIS B 199 -3.76 9.18 -8.17
CA HIS B 199 -3.75 7.70 -8.12
C HIS B 199 -2.62 7.17 -7.25
N ARG B 200 -2.65 7.53 -5.97
CA ARG B 200 -1.59 7.22 -5.00
C ARG B 200 -2.25 7.01 -3.68
N ILE B 201 -1.53 6.33 -2.79
CA ILE B 201 -1.97 6.08 -1.39
C ILE B 201 -1.47 7.24 -0.50
N SER B 202 -0.45 7.93 -0.96
CA SER B 202 0.16 9.03 -0.24
C SER B 202 0.43 8.77 1.25
N ASN B 203 0.94 7.59 1.58
CA ASN B 203 1.33 7.26 2.96
C ASN B 203 0.12 7.40 3.93
N PHE B 204 -1.08 7.14 3.38
CA PHE B 204 -2.21 6.83 4.23
C PHE B 204 -2.00 5.29 4.49
N LEU B 205 -2.96 4.60 5.06
CA LEU B 205 -2.82 3.22 5.45
C LEU B 205 -1.88 2.44 4.51
N LEU B 206 -0.93 1.67 5.07
CA LEU B 206 -0.08 0.81 4.28
C LEU B 206 -0.29 -0.66 4.66
N TRP B 207 0.04 -0.99 5.92
CA TRP B 207 -0.14 -2.33 6.47
C TRP B 207 -1.59 -2.81 6.26
N GLN B 208 -2.50 -1.94 6.55
CA GLN B 208 -3.97 -2.32 6.62
C GLN B 208 -4.61 -2.50 5.28
N ILE B 209 -3.95 -2.03 4.23
CA ILE B 209 -4.59 -2.07 2.90
C ILE B 209 -4.09 -3.17 1.98
N ALA B 210 -3.32 -4.11 2.54
CA ALA B 210 -2.80 -5.26 1.76
C ALA B 210 -3.80 -5.92 0.81
N TYR B 211 -5.06 -6.03 1.23
CA TYR B 211 -6.05 -6.79 0.45
C TYR B 211 -7.29 -5.95 0.16
N ALA B 212 -7.21 -4.64 0.32
CA ALA B 212 -8.35 -3.76 0.05
C ALA B 212 -8.54 -3.42 -1.45
N GLU B 213 -9.81 -3.24 -1.82
CA GLU B 213 -10.17 -2.72 -3.16
C GLU B 213 -9.79 -1.25 -3.13
N LEU B 214 -9.22 -0.74 -4.23
CA LEU B 214 -8.76 0.67 -4.32
C LEU B 214 -9.60 1.31 -5.39
N TYR B 215 -10.32 2.40 -5.04
CA TYR B 215 -11.24 2.98 -5.94
C TYR B 215 -10.85 4.44 -6.08
N PHE B 216 -10.48 4.85 -7.28
CA PHE B 216 -10.06 6.26 -7.50
C PHE B 216 -11.09 7.01 -8.32
N THR B 217 -11.39 8.24 -7.94
CA THR B 217 -12.38 8.97 -8.65
C THR B 217 -11.87 10.37 -8.82
N ASP B 218 -12.15 10.96 -9.97
CA ASP B 218 -11.80 12.37 -10.22
C ASP B 218 -12.68 13.36 -9.48
N VAL B 219 -13.81 12.92 -8.97
CA VAL B 219 -14.68 13.85 -8.23
C VAL B 219 -13.95 14.45 -7.06
N LEU B 220 -14.06 15.78 -6.87
CA LEU B 220 -13.44 16.48 -5.80
C LEU B 220 -14.19 16.24 -4.48
N TRP B 221 -13.46 16.26 -3.38
CA TRP B 221 -14.09 15.83 -2.09
C TRP B 221 -15.34 16.59 -1.72
N PRO B 222 -15.34 17.91 -1.89
CA PRO B 222 -16.61 18.59 -1.58
C PRO B 222 -17.80 18.16 -2.43
N ASP B 223 -17.56 17.54 -3.60
CA ASP B 223 -18.66 17.16 -4.49
C ASP B 223 -19.05 15.70 -4.33
N PHE B 224 -18.24 14.95 -3.57
CA PHE B 224 -18.46 13.50 -3.45
C PHE B 224 -19.74 13.33 -2.61
N ASP B 225 -20.72 12.63 -3.16
CA ASP B 225 -22.05 12.55 -2.49
C ASP B 225 -22.53 11.11 -2.44
N GLU B 226 -23.73 10.83 -1.92
CA GLU B 226 -24.21 9.46 -1.80
C GLU B 226 -24.10 8.55 -3.00
N GLN B 227 -24.37 9.13 -4.16
CA GLN B 227 -24.29 8.41 -5.42
C GLN B 227 -22.84 7.96 -5.71
N ASP B 228 -21.90 8.87 -5.52
CA ASP B 228 -20.45 8.56 -5.67
C ASP B 228 -20.07 7.40 -4.71
N PHE B 229 -20.58 7.47 -3.49
CA PHE B 229 -20.17 6.48 -2.44
C PHE B 229 -20.76 5.11 -2.81
N GLU B 230 -22.01 5.10 -3.25
CA GLU B 230 -22.61 3.86 -3.79
C GLU B 230 -21.85 3.33 -5.00
N GLY B 231 -21.45 4.24 -5.88
CA GLY B 231 -20.60 3.84 -7.03
C GLY B 231 -19.42 3.04 -6.55
N ALA B 232 -18.71 3.52 -5.48
CA ALA B 232 -17.58 2.82 -4.98
C ALA B 232 -17.96 1.50 -4.36
N LEU B 233 -19.03 1.50 -3.58
CA LEU B 233 -19.52 0.25 -3.03
C LEU B 233 -19.88 -0.79 -4.14
N ASN B 234 -20.39 -0.36 -5.29
CA ASN B 234 -20.61 -1.29 -6.40
C ASN B 234 -19.40 -1.92 -6.98
N ALA B 235 -18.33 -1.14 -7.08
CA ALA B 235 -17.07 -1.64 -7.57
C ALA B 235 -16.62 -2.74 -6.63
N PHE B 236 -16.83 -2.54 -5.32
CA PHE B 236 -16.47 -3.56 -4.38
C PHE B 236 -17.33 -4.82 -4.65
N ALA B 237 -18.65 -4.65 -4.62
CA ALA B 237 -19.60 -5.78 -4.90
C ALA B 237 -19.24 -6.60 -6.16
N ASN B 238 -18.88 -5.94 -7.26
CA ASN B 238 -18.08 -6.61 -8.32
C ASN B 238 -16.61 -6.74 -7.94
OAC 0YX C . 13.32 -15.35 -22.77
PBB 0YX C . 14.89 -14.93 -23.09
OAD 0YX C . 14.77 -14.67 -24.63
OAB 0YX C . 15.85 -16.04 -22.92
CBA 0YX C . 15.25 -13.18 -22.32
CAL 0YX C . 16.05 -12.46 -23.15
CAW 0YX C . 16.43 -11.18 -22.93
BRE 0YX C . 17.59 -10.49 -24.27
CAI 0YX C . 15.98 -10.52 -21.82
CAJ 0YX C . 15.16 -11.20 -20.93
CAZ 0YX C . 14.79 -12.51 -21.15
OAV 0YX C . 13.96 -13.15 -20.29
CAT 0YX C . 13.78 -12.47 -19.06
CAX 0YX C . 13.00 -13.19 -18.22
CAK 0YX C . 12.16 -14.16 -18.69
CAG 0YX C . 13.07 -12.94 -16.86
CAF 0YX C . 12.31 -13.65 -15.97
CAH 0YX C . 11.44 -14.63 -16.44
CAY 0YX C . 11.39 -14.86 -17.79
OAU 0YX C . 10.57 -15.81 -18.22
CAS 0YX C . 9.62 -15.82 -17.18
CAR 0YX C . 9.71 -17.10 -16.38
CAQ 0YX C . 9.27 -18.29 -17.20
CAP 0YX C . 8.10 -18.98 -16.50
CAO 0YX C . 7.80 -20.38 -17.06
CAN 0YX C . 6.32 -20.59 -16.86
CAM 0YX C . 5.93 -21.80 -16.02
CAA 0YX C . 5.05 -22.71 -16.86
#